data_6T5H
#
_entry.id   6T5H
#
_cell.length_a   90.170
_cell.length_b   78.350
_cell.length_c   76.060
_cell.angle_alpha   90.000
_cell.angle_beta   100.420
_cell.angle_gamma   90.000
#
_symmetry.space_group_name_H-M   'C 1 2 1'
#
loop_
_entity.id
_entity.type
_entity.pdbx_description
1 polymer '14-3-3 protein sigma,Steroidogenic acute regulatory protein, mitochondrial'
2 non-polymer 'TRIETHYLENE GLYCOL'
3 non-polymer IMIDAZOLE
4 water water
#
_entity_poly.entity_id   1
_entity_poly.type   'polypeptide(L)'
_entity_poly.pdbx_seq_one_letter_code
;GPHMERASLIQKAKLAEQAERYEDMAAFMKGAVEKGEELSCEERNLLSVAYKNVVGGQRAAWRVLSSIEQKSNEEGSAAA
GPEVREYREKVETELQGVCDTVLGLLDSHLIKEAGDAESRVFYLKMKGDYYRYLAEVATGDDKKRIIDSARSAYQEAMDI
SKKEMPPTNPIRLGLALNFSVFHYEIANSPEEAISLAKTTFDEAMADLHTLSEDSYKDSTLIMQLLRDNLTLWTGSGSLR
RS(SEP)LLGSR
;
_entity_poly.pdbx_strand_id   A,B
#
loop_
_chem_comp.id
_chem_comp.type
_chem_comp.name
_chem_comp.formula
IMD non-polymer IMIDAZOLE 'C3 H5 N2 1'
PGE non-polymer 'TRIETHYLENE GLYCOL' 'C6 H14 O4'
#
# COMPACT_ATOMS: atom_id res chain seq x y z
N PRO A 2 19.00 42.23 -17.78
CA PRO A 2 19.19 41.11 -16.85
C PRO A 2 18.20 41.17 -15.67
N HIS A 3 17.08 40.43 -15.76
CA HIS A 3 15.99 40.43 -14.77
C HIS A 3 16.28 39.49 -13.58
N MET A 4 16.84 40.05 -12.49
CA MET A 4 17.22 39.23 -11.33
C MET A 4 16.62 39.73 -9.98
N GLU A 5 15.53 40.50 -10.04
CA GLU A 5 14.77 40.97 -8.86
C GLU A 5 13.98 39.76 -8.29
N ARG A 6 13.42 39.87 -7.09
CA ARG A 6 12.76 38.76 -6.41
C ARG A 6 11.75 38.02 -7.29
N ALA A 7 10.84 38.75 -7.94
CA ALA A 7 9.81 38.12 -8.75
C ALA A 7 10.37 37.39 -9.97
N SER A 8 11.48 37.91 -10.54
CA SER A 8 12.14 37.32 -11.70
C SER A 8 12.87 36.04 -11.28
N LEU A 9 13.47 36.04 -10.08
CA LEU A 9 14.13 34.86 -9.49
C LEU A 9 13.13 33.69 -9.27
N ILE A 10 11.95 34.01 -8.74
CA ILE A 10 10.89 33.02 -8.54
C ILE A 10 10.40 32.49 -9.88
N GLN A 11 10.18 33.38 -10.86
CA GLN A 11 9.74 32.94 -12.19
C GLN A 11 10.80 32.05 -12.89
N LYS A 12 12.09 32.39 -12.73
CA LYS A 12 13.16 31.59 -13.31
C LYS A 12 13.28 30.24 -12.61
N ALA A 13 13.03 30.19 -11.28
CA ALA A 13 13.03 28.92 -10.53
C ALA A 13 11.92 27.98 -11.06
N LYS A 14 10.74 28.52 -11.40
CA LYS A 14 9.66 27.70 -11.98
C LYS A 14 10.01 27.22 -13.36
N LEU A 15 10.71 28.05 -14.15
CA LEU A 15 11.14 27.64 -15.48
C LEU A 15 12.20 26.55 -15.36
N ALA A 16 13.15 26.72 -14.41
CA ALA A 16 14.23 25.75 -14.19
C ALA A 16 13.66 24.39 -13.74
N GLU A 17 12.60 24.41 -12.94
CA GLU A 17 11.91 23.18 -12.53
C GLU A 17 11.36 22.44 -13.77
N GLN A 18 10.66 23.16 -14.68
CA GLN A 18 10.09 22.58 -15.90
C GLN A 18 11.17 22.03 -16.83
N ALA A 19 12.35 22.67 -16.84
CA ALA A 19 13.48 22.26 -17.66
C ALA A 19 14.34 21.18 -16.97
N GLU A 20 13.97 20.79 -15.73
CA GLU A 20 14.69 19.84 -14.89
C GLU A 20 16.15 20.27 -14.67
N ARG A 21 16.33 21.58 -14.43
CA ARG A 21 17.63 22.22 -14.15
C ARG A 21 17.60 22.61 -12.67
N TYR A 22 17.83 21.61 -11.80
CA TYR A 22 17.71 21.73 -10.36
C TYR A 22 18.78 22.56 -9.72
N GLU A 23 20.01 22.54 -10.22
CA GLU A 23 21.03 23.43 -9.63
C GLU A 23 20.70 24.88 -9.96
N ASP A 24 20.19 25.15 -11.18
CA ASP A 24 19.77 26.51 -11.54
C ASP A 24 18.59 26.90 -10.66
N MET A 25 17.65 25.98 -10.50
CA MET A 25 16.47 26.20 -9.66
C MET A 25 16.88 26.59 -8.22
N ALA A 26 17.84 25.87 -7.64
CA ALA A 26 18.31 26.10 -6.25
C ALA A 26 18.96 27.46 -6.15
N ALA A 27 19.79 27.80 -7.13
CA ALA A 27 20.51 29.08 -7.16
C ALA A 27 19.49 30.23 -7.28
N PHE A 28 18.41 30.06 -8.08
CA PHE A 28 17.36 31.08 -8.20
C PHE A 28 16.65 31.26 -6.84
N MET A 29 16.30 30.15 -6.20
CA MET A 29 15.60 30.17 -4.93
C MET A 29 16.48 30.68 -3.78
N LYS A 30 17.78 30.36 -3.81
CA LYS A 30 18.70 30.89 -2.78
C LYS A 30 18.70 32.43 -2.90
N GLY A 31 18.82 32.94 -4.14
CA GLY A 31 18.77 34.36 -4.42
C GLY A 31 17.48 35.00 -3.95
N ALA A 32 16.34 34.32 -4.17
CA ALA A 32 15.03 34.86 -3.74
C ALA A 32 14.94 34.92 -2.23
N VAL A 33 15.40 33.86 -1.52
CA VAL A 33 15.43 33.82 -0.05
C VAL A 33 16.27 34.99 0.49
N GLU A 34 17.44 35.23 -0.10
CA GLU A 34 18.35 36.32 0.30
C GLU A 34 17.76 37.73 0.11
N LYS A 35 16.64 37.85 -0.61
CA LYS A 35 15.94 39.12 -0.74
C LYS A 35 15.30 39.56 0.61
N GLY A 36 15.22 38.65 1.57
CA GLY A 36 14.76 38.93 2.93
C GLY A 36 13.27 38.82 3.19
N GLU A 37 12.48 38.54 2.17
CA GLU A 37 11.04 38.41 2.35
CA GLU A 37 11.04 38.44 2.31
C GLU A 37 10.65 36.98 2.63
N GLU A 38 9.49 36.80 3.28
CA GLU A 38 8.95 35.48 3.61
C GLU A 38 8.64 34.71 2.35
N LEU A 39 8.63 33.37 2.41
CA LEU A 39 8.26 32.60 1.22
C LEU A 39 6.83 32.18 1.37
N SER A 40 6.11 32.15 0.25
CA SER A 40 4.74 31.68 0.25
C SER A 40 4.85 30.14 0.28
N CYS A 41 3.73 29.44 0.39
CA CYS A 41 3.67 28.00 0.39
C CYS A 41 4.27 27.41 -0.90
N GLU A 42 3.88 28.00 -2.06
CA GLU A 42 4.38 27.62 -3.36
C GLU A 42 5.89 27.84 -3.44
N GLU A 43 6.39 28.98 -2.93
CA GLU A 43 7.81 29.31 -2.97
C GLU A 43 8.64 28.39 -2.08
N ARG A 44 8.12 28.01 -0.88
CA ARG A 44 8.82 27.07 0.02
C ARG A 44 9.00 25.74 -0.69
N ASN A 45 7.95 25.29 -1.41
CA ASN A 45 8.03 24.03 -2.15
C ASN A 45 9.05 24.12 -3.25
N LEU A 46 9.20 25.29 -3.89
CA LEU A 46 10.20 25.45 -4.95
C LEU A 46 11.60 25.32 -4.34
N LEU A 47 11.81 25.97 -3.21
CA LEU A 47 13.13 25.90 -2.53
C LEU A 47 13.46 24.44 -2.16
N SER A 48 12.48 23.75 -1.58
CA SER A 48 12.62 22.40 -1.10
C SER A 48 12.91 21.41 -2.24
N VAL A 49 12.12 21.48 -3.33
CA VAL A 49 12.27 20.60 -4.51
C VAL A 49 13.65 20.80 -5.18
N ALA A 50 14.07 22.05 -5.27
CA ALA A 50 15.36 22.39 -5.88
C ALA A 50 16.49 21.71 -5.10
N TYR A 51 16.60 21.99 -3.81
CA TYR A 51 17.68 21.42 -3.00
C TYR A 51 17.54 19.92 -2.76
N LYS A 52 16.31 19.40 -2.69
CA LYS A 52 16.09 17.93 -2.56
C LYS A 52 16.71 17.21 -3.77
N ASN A 53 16.50 17.73 -4.99
CA ASN A 53 17.02 17.11 -6.20
C ASN A 53 18.53 17.24 -6.26
N VAL A 54 19.07 18.40 -5.92
CA VAL A 54 20.53 18.59 -5.92
C VAL A 54 21.18 17.61 -4.91
N VAL A 55 20.74 17.64 -3.64
CA VAL A 55 21.33 16.82 -2.59
C VAL A 55 21.05 15.34 -2.85
N GLY A 56 19.91 15.00 -3.46
CA GLY A 56 19.56 13.63 -3.80
C GLY A 56 20.51 13.00 -4.81
N GLY A 57 20.98 13.77 -5.79
CA GLY A 57 21.96 13.33 -6.78
C GLY A 57 23.31 13.08 -6.11
N GLN A 58 23.67 13.95 -5.16
CA GLN A 58 24.93 13.84 -4.41
C GLN A 58 24.89 12.64 -3.48
N ARG A 59 23.81 12.46 -2.74
CA ARG A 59 23.62 11.33 -1.82
C ARG A 59 23.65 10.00 -2.60
N ALA A 60 22.98 9.91 -3.78
CA ALA A 60 23.01 8.70 -4.62
C ALA A 60 24.43 8.41 -5.07
N ALA A 61 25.17 9.45 -5.47
CA ALA A 61 26.57 9.29 -5.93
C ALA A 61 27.47 8.87 -4.79
N TRP A 62 27.34 9.49 -3.61
CA TRP A 62 28.12 9.17 -2.42
C TRP A 62 27.88 7.70 -2.04
N ARG A 63 26.62 7.23 -2.08
CA ARG A 63 26.32 5.85 -1.78
C ARG A 63 27.02 4.88 -2.73
N VAL A 64 27.02 5.16 -4.06
CA VAL A 64 27.69 4.32 -5.07
C VAL A 64 29.20 4.26 -4.76
N LEU A 65 29.84 5.40 -4.56
CA LEU A 65 31.27 5.46 -4.34
C LEU A 65 31.67 4.76 -3.05
N SER A 66 30.87 4.95 -1.97
CA SER A 66 31.07 4.30 -0.67
C SER A 66 30.96 2.80 -0.81
N SER A 67 30.01 2.32 -1.61
CA SER A 67 29.76 0.91 -1.85
C SER A 67 30.98 0.29 -2.52
N ILE A 68 31.49 0.91 -3.62
CA ILE A 68 32.69 0.55 -4.39
C ILE A 68 33.91 0.54 -3.47
N GLU A 69 34.06 1.57 -2.61
CA GLU A 69 35.16 1.73 -1.67
C GLU A 69 35.16 0.63 -0.63
N GLN A 70 33.96 0.25 -0.13
CA GLN A 70 33.84 -0.80 0.89
C GLN A 70 34.25 -2.14 0.34
N LYS A 71 33.81 -2.48 -0.89
CA LYS A 71 34.16 -3.72 -1.57
C LYS A 71 35.66 -3.76 -1.88
N SER A 72 36.23 -2.64 -2.37
CA SER A 72 37.66 -2.46 -2.67
C SER A 72 38.55 -2.60 -1.40
N ASN A 73 37.95 -2.48 -0.20
CA ASN A 73 38.65 -2.66 1.07
C ASN A 73 38.13 -3.89 1.81
N ALA A 80 42.92 -1.42 -1.97
CA ALA A 80 43.76 -0.91 -3.06
C ALA A 80 43.05 0.17 -3.92
N GLY A 81 43.87 1.01 -4.60
CA GLY A 81 43.43 2.09 -5.49
C GLY A 81 43.00 3.34 -4.73
N PRO A 82 43.83 4.41 -4.65
CA PRO A 82 43.43 5.61 -3.92
C PRO A 82 42.32 6.47 -4.56
N GLU A 83 42.04 6.31 -5.85
CA GLU A 83 41.06 7.13 -6.56
C GLU A 83 39.66 7.07 -5.98
N VAL A 84 39.16 5.87 -5.56
CA VAL A 84 37.80 5.77 -5.06
C VAL A 84 37.59 6.68 -3.89
N ARG A 85 38.47 6.64 -2.88
CA ARG A 85 38.32 7.45 -1.67
C ARG A 85 38.45 8.93 -1.97
N GLU A 86 39.45 9.34 -2.76
CA GLU A 86 39.62 10.74 -3.14
C GLU A 86 38.33 11.27 -3.80
N TYR A 87 37.77 10.50 -4.75
CA TYR A 87 36.57 10.88 -5.46
C TYR A 87 35.38 10.88 -4.52
N ARG A 88 35.23 9.83 -3.70
CA ARG A 88 34.16 9.78 -2.71
C ARG A 88 34.25 11.03 -1.78
N GLU A 89 35.48 11.44 -1.39
CA GLU A 89 35.71 12.61 -0.52
C GLU A 89 35.36 13.91 -1.21
N LYS A 90 35.59 14.01 -2.54
CA LYS A 90 35.24 15.20 -3.32
C LYS A 90 33.70 15.34 -3.30
N VAL A 91 32.99 14.23 -3.57
CA VAL A 91 31.52 14.20 -3.60
C VAL A 91 30.93 14.54 -2.23
N GLU A 92 31.56 14.03 -1.17
CA GLU A 92 31.15 14.25 0.22
C GLU A 92 31.27 15.71 0.60
N THR A 93 32.42 16.35 0.30
CA THR A 93 32.67 17.77 0.58
C THR A 93 31.61 18.62 -0.16
N GLU A 94 31.36 18.31 -1.42
CA GLU A 94 30.37 19.02 -2.20
C GLU A 94 28.96 18.87 -1.59
N LEU A 95 28.60 17.64 -1.16
CA LEU A 95 27.33 17.32 -0.48
C LEU A 95 27.23 18.17 0.82
N GLN A 96 28.32 18.23 1.61
CA GLN A 96 28.37 18.99 2.85
C GLN A 96 28.20 20.48 2.61
N GLY A 97 28.80 20.98 1.54
CA GLY A 97 28.66 22.39 1.14
C GLY A 97 27.22 22.76 0.82
N VAL A 98 26.48 21.86 0.18
CA VAL A 98 25.06 22.13 -0.16
C VAL A 98 24.21 22.10 1.12
N CYS A 99 24.41 21.09 2.00
CA CYS A 99 23.68 21.04 3.28
C CYS A 99 23.97 22.29 4.10
N ASP A 100 25.24 22.72 4.19
CA ASP A 100 25.60 23.93 4.95
C ASP A 100 24.95 25.18 4.33
N THR A 101 24.79 25.23 2.99
CA THR A 101 24.12 26.35 2.33
C THR A 101 22.62 26.37 2.74
N VAL A 102 21.95 25.19 2.69
CA VAL A 102 20.54 25.09 3.09
C VAL A 102 20.37 25.48 4.57
N LEU A 103 21.19 24.88 5.46
CA LEU A 103 21.16 25.21 6.89
C LEU A 103 21.41 26.69 7.15
N GLY A 104 22.28 27.31 6.34
CA GLY A 104 22.56 28.74 6.41
C GLY A 104 21.34 29.58 6.06
N LEU A 105 20.65 29.25 4.98
CA LEU A 105 19.43 29.93 4.54
C LEU A 105 18.32 29.82 5.60
N LEU A 106 18.19 28.62 6.18
CA LEU A 106 17.19 28.37 7.24
C LEU A 106 17.50 29.18 8.49
N ASP A 107 18.76 29.23 8.88
CA ASP A 107 19.13 29.95 10.11
C ASP A 107 19.14 31.47 9.92
N SER A 108 19.69 31.92 8.81
CA SER A 108 19.81 33.35 8.51
C SER A 108 18.53 34.04 8.10
N HIS A 109 17.63 33.37 7.36
CA HIS A 109 16.44 34.03 6.85
C HIS A 109 15.08 33.35 7.08
N LEU A 110 14.99 32.01 7.01
CA LEU A 110 13.69 31.38 6.99
C LEU A 110 13.11 31.00 8.36
N ILE A 111 13.93 30.53 9.34
CA ILE A 111 13.46 30.12 10.66
C ILE A 111 13.16 31.34 11.58
N LYS A 112 11.86 31.53 11.87
CA LYS A 112 11.35 32.65 12.67
C LYS A 112 10.37 32.16 13.75
N GLU A 113 10.34 32.86 14.89
CA GLU A 113 9.45 32.55 16.01
C GLU A 113 7.99 32.92 15.69
N ALA A 114 7.80 33.87 14.76
CA ALA A 114 6.49 34.40 14.43
C ALA A 114 6.04 34.28 12.96
N GLY A 115 5.36 33.17 12.66
CA GLY A 115 4.72 32.86 11.39
C GLY A 115 3.62 31.82 11.61
N ASP A 116 2.92 31.37 10.56
CA ASP A 116 1.90 30.33 10.76
C ASP A 116 2.57 28.97 11.04
N ALA A 117 1.87 28.06 11.76
CA ALA A 117 2.40 26.75 12.13
C ALA A 117 2.97 25.97 10.96
N GLU A 118 2.28 25.93 9.81
CA GLU A 118 2.74 25.20 8.62
C GLU A 118 4.16 25.61 8.22
N SER A 119 4.41 26.92 8.05
CA SER A 119 5.71 27.44 7.66
C SER A 119 6.76 27.17 8.71
N ARG A 120 6.41 27.36 9.99
CA ARG A 120 7.33 27.09 11.10
C ARG A 120 7.76 25.61 11.15
N VAL A 121 6.79 24.66 11.05
CA VAL A 121 7.06 23.22 11.03
C VAL A 121 7.84 22.86 9.75
N PHE A 122 7.47 23.47 8.60
CA PHE A 122 8.13 23.20 7.33
C PHE A 122 9.63 23.48 7.40
N TYR A 123 10.03 24.64 7.94
CA TYR A 123 11.46 24.99 8.02
C TYR A 123 12.22 24.20 9.02
N LEU A 124 11.61 23.92 10.18
CA LEU A 124 12.28 23.14 11.20
C LEU A 124 12.44 21.71 10.74
N LYS A 125 11.48 21.19 9.93
CA LYS A 125 11.60 19.84 9.34
C LYS A 125 12.79 19.81 8.36
N MET A 126 12.89 20.83 7.48
CA MET A 126 13.97 20.98 6.50
C MET A 126 15.35 21.05 7.23
N LYS A 127 15.41 21.73 8.38
CA LYS A 127 16.63 21.79 9.21
C LYS A 127 17.02 20.37 9.70
N GLY A 128 16.05 19.60 10.15
CA GLY A 128 16.25 18.22 10.61
C GLY A 128 16.76 17.36 9.49
N ASP A 129 16.12 17.48 8.30
CA ASP A 129 16.49 16.79 7.05
C ASP A 129 17.93 17.02 6.62
N TYR A 130 18.38 18.26 6.60
CA TYR A 130 19.73 18.58 6.10
C TYR A 130 20.79 18.26 7.14
N TYR A 131 20.44 18.24 8.43
CA TYR A 131 21.38 17.77 9.46
C TYR A 131 21.42 16.25 9.32
N ARG A 132 20.27 15.63 8.98
CA ARG A 132 20.24 14.19 8.78
C ARG A 132 21.13 13.76 7.58
N TYR A 133 21.11 14.55 6.46
CA TYR A 133 21.94 14.26 5.29
C TYR A 133 23.43 14.42 5.67
N LEU A 134 23.73 15.40 6.50
CA LEU A 134 25.12 15.58 6.98
C LEU A 134 25.51 14.37 7.86
N ALA A 135 24.58 13.90 8.72
CA ALA A 135 24.84 12.76 9.60
C ALA A 135 25.12 11.47 8.82
N GLU A 136 24.48 11.32 7.64
CA GLU A 136 24.67 10.13 6.78
C GLU A 136 26.15 9.93 6.37
N VAL A 137 26.91 11.01 6.19
CA VAL A 137 28.31 10.96 5.75
C VAL A 137 29.31 11.30 6.89
N ALA A 138 28.82 11.84 8.01
CA ALA A 138 29.66 12.26 9.15
C ALA A 138 30.31 11.06 9.87
N THR A 139 31.46 11.32 10.55
CA THR A 139 32.20 10.33 11.37
C THR A 139 32.69 11.04 12.66
N GLY A 140 33.10 10.25 13.65
CA GLY A 140 33.64 10.75 14.91
C GLY A 140 32.78 11.73 15.68
N ASP A 141 33.44 12.69 16.35
CA ASP A 141 32.88 13.76 17.19
C ASP A 141 31.80 14.56 16.49
N ASP A 142 32.08 14.95 15.23
CA ASP A 142 31.21 15.75 14.37
C ASP A 142 29.86 15.09 14.20
N LYS A 143 29.84 13.74 14.04
CA LYS A 143 28.62 12.96 13.83
C LYS A 143 27.67 13.13 14.99
N LYS A 144 28.19 13.04 16.22
CA LYS A 144 27.40 13.16 17.45
C LYS A 144 26.74 14.52 17.53
N ARG A 145 27.49 15.60 17.32
CA ARG A 145 26.91 16.96 17.37
C ARG A 145 25.81 17.15 16.31
N ILE A 146 26.03 16.63 15.08
CA ILE A 146 25.10 16.73 13.94
C ILE A 146 23.81 16.00 14.24
N ILE A 147 23.92 14.78 14.83
CA ILE A 147 22.77 13.95 15.22
C ILE A 147 21.94 14.70 16.28
N ASP A 148 22.59 15.38 17.23
CA ASP A 148 21.92 16.15 18.27
C ASP A 148 21.17 17.32 17.67
N SER A 149 21.79 18.00 16.69
CA SER A 149 21.19 19.13 15.99
C SER A 149 19.97 18.68 15.19
N ALA A 150 20.04 17.51 14.54
CA ALA A 150 18.91 17.00 13.76
C ALA A 150 17.73 16.67 14.66
N ARG A 151 17.99 15.97 15.78
CA ARG A 151 16.97 15.56 16.75
C ARG A 151 16.29 16.76 17.33
N SER A 152 17.09 17.75 17.73
CA SER A 152 16.60 18.99 18.31
C SER A 152 15.64 19.73 17.35
N ALA A 153 16.00 19.83 16.04
CA ALA A 153 15.17 20.50 15.01
C ALA A 153 13.88 19.72 14.79
N TYR A 154 14.00 18.39 14.62
CA TYR A 154 12.83 17.53 14.43
C TYR A 154 11.88 17.57 15.61
N GLN A 155 12.42 17.55 16.85
CA GLN A 155 11.62 17.59 18.06
C GLN A 155 10.81 18.89 18.20
N GLU A 156 11.46 20.04 17.96
CA GLU A 156 10.82 21.35 17.98
C GLU A 156 9.68 21.37 16.92
N ALA A 157 9.96 20.82 15.70
CA ALA A 157 8.95 20.72 14.64
C ALA A 157 7.77 19.82 15.08
N MET A 158 8.05 18.72 15.78
CA MET A 158 7.05 17.80 16.29
C MET A 158 6.13 18.46 17.35
N ASP A 159 6.72 19.17 18.34
CA ASP A 159 5.95 19.91 19.36
C ASP A 159 4.91 20.83 18.71
N ILE A 160 5.34 21.65 17.70
CA ILE A 160 4.46 22.59 17.01
C ILE A 160 3.34 21.86 16.26
N SER A 161 3.70 20.83 15.49
CA SER A 161 2.77 20.12 14.65
C SER A 161 1.72 19.37 15.45
N LYS A 162 2.06 18.87 16.62
CA LYS A 162 1.07 18.13 17.40
C LYS A 162 0.09 19.11 18.07
N LYS A 163 0.55 20.30 18.38
CA LYS A 163 -0.26 21.34 18.98
C LYS A 163 -1.14 22.08 18.00
N GLU A 164 -0.64 22.33 16.77
CA GLU A 164 -1.32 23.22 15.84
C GLU A 164 -1.80 22.62 14.51
N MET A 165 -1.59 21.32 14.26
CA MET A 165 -2.00 20.75 12.98
C MET A 165 -2.85 19.49 13.15
N PRO A 166 -3.83 19.20 12.25
CA PRO A 166 -4.60 17.94 12.37
C PRO A 166 -3.72 16.73 12.03
N PRO A 167 -4.06 15.48 12.51
CA PRO A 167 -3.18 14.33 12.23
C PRO A 167 -2.95 14.00 10.76
N THR A 168 -3.84 14.45 9.87
CA THR A 168 -3.76 14.15 8.43
C THR A 168 -2.97 15.18 7.67
N ASN A 169 -2.59 16.28 8.33
CA ASN A 169 -1.87 17.34 7.64
C ASN A 169 -0.61 16.79 6.96
N PRO A 170 -0.49 16.96 5.61
CA PRO A 170 0.68 16.41 4.90
C PRO A 170 2.05 16.83 5.43
N ILE A 171 2.19 18.08 5.91
CA ILE A 171 3.44 18.56 6.47
C ILE A 171 3.73 17.78 7.77
N ARG A 172 2.71 17.65 8.63
CA ARG A 172 2.80 16.90 9.90
C ARG A 172 3.16 15.43 9.60
N LEU A 173 2.53 14.84 8.57
CA LEU A 173 2.79 13.44 8.19
C LEU A 173 4.20 13.27 7.69
N GLY A 174 4.64 14.17 6.80
CA GLY A 174 5.96 14.14 6.21
C GLY A 174 7.04 14.32 7.24
N LEU A 175 6.82 15.20 8.22
CA LEU A 175 7.76 15.43 9.33
C LEU A 175 7.93 14.13 10.18
N ALA A 176 6.80 13.51 10.55
CA ALA A 176 6.80 12.29 11.38
C ALA A 176 7.48 11.16 10.63
N LEU A 177 7.30 11.09 9.32
CA LEU A 177 7.93 10.09 8.46
C LEU A 177 9.45 10.27 8.50
N ASN A 178 9.94 11.49 8.27
CA ASN A 178 11.36 11.79 8.24
C ASN A 178 12.01 11.62 9.61
N PHE A 179 11.32 12.01 10.67
CA PHE A 179 11.80 11.83 12.05
C PHE A 179 11.93 10.33 12.42
N SER A 180 10.98 9.49 11.93
CA SER A 180 11.05 8.05 12.19
C SER A 180 12.26 7.47 11.40
N VAL A 181 12.47 7.93 10.15
CA VAL A 181 13.63 7.50 9.36
C VAL A 181 14.90 7.88 10.17
N PHE A 182 14.96 9.11 10.72
CA PHE A 182 16.09 9.58 11.57
C PHE A 182 16.30 8.61 12.74
N HIS A 183 15.24 8.27 13.50
CA HIS A 183 15.37 7.34 14.63
C HIS A 183 15.97 6.02 14.21
N TYR A 184 15.43 5.43 13.14
CA TYR A 184 15.90 4.13 12.66
C TYR A 184 17.32 4.12 12.12
N GLU A 185 17.62 4.99 11.15
CA GLU A 185 18.84 4.99 10.39
C GLU A 185 19.98 5.72 11.04
N ILE A 186 19.67 6.80 11.72
CA ILE A 186 20.72 7.68 12.22
C ILE A 186 20.99 7.49 13.73
N ALA A 187 19.95 7.60 14.56
CA ALA A 187 20.10 7.52 16.02
C ALA A 187 20.12 6.09 16.55
N ASN A 188 20.01 5.10 15.65
CA ASN A 188 19.99 3.67 15.99
C ASN A 188 18.93 3.35 17.09
N SER A 189 17.71 3.91 16.95
CA SER A 189 16.58 3.67 17.85
C SER A 189 15.42 3.10 17.03
N PRO A 190 15.48 1.84 16.58
CA PRO A 190 14.36 1.31 15.78
C PRO A 190 13.03 1.31 16.51
N GLU A 191 13.06 1.20 17.86
CA GLU A 191 11.83 1.16 18.68
C GLU A 191 11.10 2.48 18.61
N GLU A 192 11.84 3.61 18.72
CA GLU A 192 11.29 4.95 18.61
C GLU A 192 10.74 5.17 17.21
N ALA A 193 11.48 4.70 16.17
CA ALA A 193 11.10 4.80 14.75
C ALA A 193 9.78 4.11 14.53
N ILE A 194 9.70 2.84 14.95
CA ILE A 194 8.49 2.03 14.81
C ILE A 194 7.32 2.63 15.55
N SER A 195 7.50 3.01 16.83
CA SER A 195 6.41 3.58 17.62
C SER A 195 5.89 4.86 17.00
N LEU A 196 6.81 5.74 16.55
CA LEU A 196 6.39 6.98 15.90
C LEU A 196 5.64 6.71 14.60
N ALA A 197 6.13 5.84 13.74
CA ALA A 197 5.45 5.56 12.48
C ALA A 197 4.05 4.94 12.72
N LYS A 198 3.92 4.04 13.73
CA LYS A 198 2.64 3.39 14.06
C LYS A 198 1.65 4.42 14.53
N THR A 199 2.01 5.25 15.54
CA THR A 199 1.14 6.33 16.06
C THR A 199 0.65 7.28 14.95
N THR A 200 1.59 7.74 14.09
CA THR A 200 1.31 8.69 13.01
C THR A 200 0.30 8.12 12.02
N PHE A 201 0.53 6.89 11.60
CA PHE A 201 -0.34 6.19 10.66
C PHE A 201 -1.75 6.02 11.24
N ASP A 202 -1.84 5.45 12.45
CA ASP A 202 -3.10 5.21 13.15
C ASP A 202 -3.96 6.48 13.37
N GLU A 203 -3.35 7.56 13.90
CA GLU A 203 -4.07 8.83 14.13
C GLU A 203 -4.56 9.49 12.84
N ALA A 204 -3.77 9.40 11.75
CA ALA A 204 -4.16 9.95 10.46
C ALA A 204 -5.30 9.12 9.85
N MET A 205 -5.21 7.78 9.96
CA MET A 205 -6.22 6.80 9.48
C MET A 205 -7.63 7.11 9.99
N ALA A 206 -7.75 7.45 11.27
CA ALA A 206 -8.99 7.77 11.97
C ALA A 206 -9.75 8.99 11.40
N ASP A 207 -9.05 9.92 10.71
CA ASP A 207 -9.67 11.13 10.15
C ASP A 207 -9.69 11.17 8.62
N LEU A 208 -9.20 10.11 7.94
CA LEU A 208 -9.17 10.05 6.47
C LEU A 208 -10.52 10.34 5.78
N HIS A 209 -11.63 9.91 6.42
CA HIS A 209 -12.99 10.10 5.92
C HIS A 209 -13.41 11.57 5.82
N THR A 210 -12.84 12.45 6.67
CA THR A 210 -13.15 13.89 6.74
C THR A 210 -12.56 14.72 5.58
N LEU A 211 -11.61 14.14 4.85
CA LEU A 211 -10.86 14.85 3.81
C LEU A 211 -11.52 15.01 2.46
N SER A 212 -11.23 16.14 1.80
CA SER A 212 -11.62 16.40 0.42
C SER A 212 -10.71 15.50 -0.39
N GLU A 213 -11.15 15.11 -1.57
CA GLU A 213 -10.48 14.17 -2.43
C GLU A 213 -9.00 14.50 -2.76
N ASP A 214 -8.66 15.80 -2.88
CA ASP A 214 -7.28 16.25 -3.14
C ASP A 214 -6.41 16.12 -1.87
N SER A 215 -7.00 16.38 -0.68
CA SER A 215 -6.34 16.26 0.62
C SER A 215 -6.07 14.79 0.93
N TYR A 216 -7.04 13.92 0.58
CA TYR A 216 -7.01 12.47 0.75
C TYR A 216 -5.79 11.88 0.02
N LYS A 217 -5.58 12.28 -1.24
CA LYS A 217 -4.49 11.81 -2.06
C LYS A 217 -3.15 12.23 -1.49
N ASP A 218 -3.05 13.47 -0.99
CA ASP A 218 -1.83 14.01 -0.40
C ASP A 218 -1.47 13.23 0.87
N SER A 219 -2.46 13.01 1.74
CA SER A 219 -2.30 12.32 3.02
C SER A 219 -1.98 10.84 2.90
N THR A 220 -2.78 10.06 2.14
CA THR A 220 -2.59 8.62 1.94
C THR A 220 -1.26 8.26 1.28
N LEU A 221 -0.75 9.14 0.39
CA LEU A 221 0.53 8.93 -0.28
C LEU A 221 1.68 8.91 0.73
N ILE A 222 1.64 9.76 1.75
CA ILE A 222 2.64 9.82 2.83
C ILE A 222 2.42 8.65 3.82
N MET A 223 1.16 8.32 4.09
CA MET A 223 0.75 7.22 4.98
C MET A 223 1.23 5.88 4.44
N GLN A 224 1.28 5.74 3.10
CA GLN A 224 1.82 4.58 2.40
C GLN A 224 3.33 4.44 2.63
N LEU A 225 4.07 5.57 2.70
CA LEU A 225 5.50 5.54 2.98
C LEU A 225 5.74 5.13 4.43
N LEU A 226 4.83 5.52 5.36
CA LEU A 226 4.93 5.16 6.78
C LEU A 226 4.74 3.67 6.92
N ARG A 227 3.69 3.16 6.27
CA ARG A 227 3.30 1.77 6.23
C ARG A 227 4.39 0.90 5.59
N ASP A 228 4.94 1.32 4.42
CA ASP A 228 6.03 0.60 3.75
C ASP A 228 7.23 0.46 4.66
N ASN A 229 7.58 1.54 5.36
CA ASN A 229 8.68 1.56 6.33
C ASN A 229 8.41 0.59 7.46
N LEU A 230 7.18 0.58 7.97
CA LEU A 230 6.76 -0.32 9.05
C LEU A 230 6.91 -1.78 8.64
N THR A 231 6.44 -2.15 7.43
CA THR A 231 6.56 -3.50 6.87
C THR A 231 8.04 -3.91 6.78
N LEU A 232 8.87 -3.01 6.25
CA LEU A 232 10.30 -3.24 6.15
C LEU A 232 10.96 -3.41 7.55
N TRP A 233 10.57 -2.54 8.50
CA TRP A 233 11.16 -2.52 9.84
C TRP A 233 10.72 -3.66 10.77
N THR A 234 9.45 -4.09 10.69
CA THR A 234 8.84 -5.07 11.60
C THR A 234 8.76 -6.52 11.08
N GLY A 235 8.44 -6.68 9.80
CA GLY A 235 8.31 -7.99 9.16
C GLY A 235 7.18 -7.98 8.15
N SER A 236 5.96 -8.42 8.56
CA SER A 236 4.74 -8.46 7.74
C SER A 236 3.53 -8.92 8.56
N ARG A 241 -1.05 -14.34 3.57
CA ARG A 241 -1.52 -13.71 2.33
C ARG A 241 -3.00 -13.30 2.37
N SER A 242 -3.43 -12.47 1.39
CA SER A 242 -4.81 -12.06 1.31
C SER A 242 -5.40 -12.22 -0.08
N SEP A 243 -6.64 -12.70 -0.12
CA SEP A 243 -7.49 -12.85 -1.30
CB SEP A 243 -8.13 -14.26 -1.36
OG SEP A 243 -9.07 -14.45 -0.25
C SEP A 243 -8.48 -11.69 -1.18
O SEP A 243 -8.43 -10.94 -0.19
P SEP A 243 -9.85 -15.74 -0.18
O1P SEP A 243 -8.91 -16.90 -0.20
O2P SEP A 243 -10.87 -15.81 -1.32
O3P SEP A 243 -10.58 -15.79 1.08
N LEU A 244 -9.36 -11.52 -2.19
CA LEU A 244 -10.32 -10.40 -2.21
C LEU A 244 -11.19 -10.38 -0.91
N LEU A 245 -11.22 -9.18 -0.27
CA LEU A 245 -11.86 -8.78 1.01
C LEU A 245 -10.90 -8.95 2.19
N GLY B 1 -40.70 -23.99 -0.07
CA GLY B 1 -42.12 -24.06 0.23
C GLY B 1 -42.97 -23.44 -0.87
N PRO B 2 -43.94 -22.56 -0.53
CA PRO B 2 -44.74 -21.93 -1.61
C PRO B 2 -43.93 -20.89 -2.40
N HIS B 3 -44.41 -20.55 -3.63
CA HIS B 3 -43.70 -19.60 -4.48
C HIS B 3 -43.61 -18.21 -3.80
N MET B 4 -42.38 -17.74 -3.56
CA MET B 4 -42.06 -16.44 -2.95
C MET B 4 -41.93 -15.44 -4.09
N GLU B 5 -42.02 -14.15 -3.79
CA GLU B 5 -41.82 -13.14 -4.82
C GLU B 5 -40.32 -12.83 -4.80
N ARG B 6 -39.67 -12.73 -5.97
CA ARG B 6 -38.25 -12.35 -6.11
C ARG B 6 -37.91 -11.13 -5.24
N ALA B 7 -38.76 -10.10 -5.25
CA ALA B 7 -38.51 -8.88 -4.49
C ALA B 7 -38.53 -9.10 -2.99
N SER B 8 -39.36 -10.04 -2.50
CA SER B 8 -39.43 -10.37 -1.07
C SER B 8 -38.15 -11.14 -0.64
N LEU B 9 -37.63 -12.01 -1.51
CA LEU B 9 -36.39 -12.75 -1.28
C LEU B 9 -35.19 -11.80 -1.16
N ILE B 10 -35.11 -10.80 -2.06
CA ILE B 10 -34.03 -9.81 -2.02
C ILE B 10 -34.16 -8.95 -0.77
N GLN B 11 -35.40 -8.53 -0.42
CA GLN B 11 -35.59 -7.74 0.79
C GLN B 11 -35.22 -8.52 2.07
N LYS B 12 -35.54 -9.83 2.10
CA LYS B 12 -35.20 -10.68 3.22
C LYS B 12 -33.70 -10.92 3.30
N ALA B 13 -33.00 -11.03 2.13
CA ALA B 13 -31.53 -11.18 2.11
C ALA B 13 -30.87 -9.96 2.72
N LYS B 14 -31.38 -8.75 2.44
CA LYS B 14 -30.83 -7.51 3.05
C LYS B 14 -31.11 -7.46 4.54
N LEU B 15 -32.27 -7.96 4.98
CA LEU B 15 -32.58 -8.02 6.41
C LEU B 15 -31.67 -9.02 7.09
N ALA B 16 -31.45 -10.20 6.46
CA ALA B 16 -30.57 -11.23 7.00
C ALA B 16 -29.12 -10.73 7.13
N GLU B 17 -28.67 -9.91 6.16
CA GLU B 17 -27.34 -9.32 6.23
C GLU B 17 -27.23 -8.42 7.48
N GLN B 18 -28.23 -7.57 7.73
CA GLN B 18 -28.25 -6.66 8.91
C GLN B 18 -28.29 -7.42 10.21
N ALA B 19 -28.97 -8.57 10.21
CA ALA B 19 -29.10 -9.43 11.38
C ALA B 19 -27.92 -10.39 11.54
N GLU B 20 -26.92 -10.35 10.60
CA GLU B 20 -25.77 -11.22 10.51
C GLU B 20 -26.17 -12.69 10.48
N ARG B 21 -27.22 -12.99 9.71
CA ARG B 21 -27.77 -14.33 9.50
C ARG B 21 -27.40 -14.72 8.07
N TYR B 22 -26.13 -15.11 7.89
CA TYR B 22 -25.53 -15.39 6.59
C TYR B 22 -26.05 -16.64 5.91
N GLU B 23 -26.40 -17.68 6.66
CA GLU B 23 -26.98 -18.86 6.03
C GLU B 23 -28.35 -18.54 5.52
N ASP B 24 -29.14 -17.73 6.28
CA ASP B 24 -30.47 -17.31 5.81
C ASP B 24 -30.29 -16.42 4.59
N MET B 25 -29.32 -15.51 4.65
CA MET B 25 -29.01 -14.59 3.56
C MET B 25 -28.72 -15.37 2.26
N ALA B 26 -27.88 -16.40 2.34
CA ALA B 26 -27.49 -17.24 1.20
C ALA B 26 -28.72 -17.95 0.63
N ALA B 27 -29.55 -18.52 1.51
CA ALA B 27 -30.75 -19.25 1.11
C ALA B 27 -31.74 -18.28 0.41
N PHE B 28 -31.85 -17.01 0.88
CA PHE B 28 -32.71 -16.04 0.23
C PHE B 28 -32.19 -15.70 -1.17
N MET B 29 -30.88 -15.48 -1.28
CA MET B 29 -30.21 -15.18 -2.55
C MET B 29 -30.23 -16.35 -3.52
N LYS B 30 -30.08 -17.58 -3.01
CA LYS B 30 -30.18 -18.76 -3.87
C LYS B 30 -31.59 -18.78 -4.49
N GLY B 31 -32.61 -18.56 -3.68
CA GLY B 31 -34.00 -18.51 -4.13
C GLY B 31 -34.21 -17.42 -5.18
N ALA B 32 -33.59 -16.24 -4.97
CA ALA B 32 -33.72 -15.13 -5.91
C ALA B 32 -33.06 -15.47 -7.24
N VAL B 33 -31.86 -16.09 -7.20
CA VAL B 33 -31.12 -16.52 -8.42
C VAL B 33 -32.00 -17.51 -9.22
N GLU B 34 -32.64 -18.49 -8.53
CA GLU B 34 -33.49 -19.49 -9.15
C GLU B 34 -34.76 -18.89 -9.80
N LYS B 35 -35.05 -17.60 -9.56
CA LYS B 35 -36.16 -16.92 -10.25
C LYS B 35 -35.87 -16.72 -11.75
N GLY B 36 -34.61 -16.90 -12.14
CA GLY B 36 -34.18 -16.86 -13.53
C GLY B 36 -33.76 -15.52 -14.08
N GLU B 37 -33.94 -14.44 -13.32
CA GLU B 37 -33.55 -13.08 -13.75
C GLU B 37 -32.12 -12.81 -13.42
N GLU B 38 -31.53 -11.87 -14.15
CA GLU B 38 -30.17 -11.42 -13.92
C GLU B 38 -30.10 -10.69 -12.56
N LEU B 39 -28.89 -10.62 -11.99
CA LEU B 39 -28.74 -9.93 -10.74
C LEU B 39 -28.17 -8.57 -11.02
N SER B 40 -28.59 -7.58 -10.23
CA SER B 40 -28.03 -6.25 -10.37
C SER B 40 -26.68 -6.31 -9.66
N CYS B 41 -25.89 -5.24 -9.75
CA CYS B 41 -24.58 -5.16 -9.10
C CYS B 41 -24.71 -5.33 -7.58
N GLU B 42 -25.69 -4.67 -6.96
CA GLU B 42 -26.02 -4.74 -5.54
C GLU B 42 -26.41 -6.19 -5.18
N GLU B 43 -27.25 -6.86 -6.02
CA GLU B 43 -27.70 -8.23 -5.77
C GLU B 43 -26.57 -9.24 -5.88
N ARG B 44 -25.63 -9.06 -6.84
CA ARG B 44 -24.45 -9.93 -6.98
C ARG B 44 -23.63 -9.84 -5.71
N ASN B 45 -23.46 -8.63 -5.16
CA ASN B 45 -22.69 -8.45 -3.93
C ASN B 45 -23.39 -9.12 -2.78
N LEU B 46 -24.76 -9.12 -2.74
CA LEU B 46 -25.49 -9.79 -1.66
C LEU B 46 -25.23 -11.30 -1.75
N LEU B 47 -25.28 -11.87 -2.96
CA LEU B 47 -25.05 -13.29 -3.17
C LEU B 47 -23.63 -13.67 -2.71
N SER B 48 -22.65 -12.87 -3.14
CA SER B 48 -21.26 -13.07 -2.84
C SER B 48 -20.96 -12.99 -1.33
N VAL B 49 -21.43 -11.93 -0.65
CA VAL B 49 -21.23 -11.70 0.79
C VAL B 49 -21.85 -12.85 1.62
N ALA B 50 -23.04 -13.29 1.23
CA ALA B 50 -23.76 -14.36 1.91
C ALA B 50 -22.91 -15.63 1.89
N TYR B 51 -22.55 -16.12 0.70
CA TYR B 51 -21.77 -17.34 0.58
C TYR B 51 -20.32 -17.20 1.06
N LYS B 52 -19.72 -16.02 0.91
CA LYS B 52 -18.35 -15.79 1.41
C LYS B 52 -18.31 -15.97 2.95
N ASN B 53 -19.31 -15.44 3.67
CA ASN B 53 -19.38 -15.56 5.12
C ASN B 53 -19.62 -16.99 5.54
N VAL B 54 -20.55 -17.67 4.86
CA VAL B 54 -20.82 -19.07 5.17
C VAL B 54 -19.55 -19.92 4.97
N VAL B 55 -18.95 -19.86 3.79
CA VAL B 55 -17.77 -20.67 3.44
C VAL B 55 -16.56 -20.24 4.24
N GLY B 56 -16.46 -18.96 4.59
CA GLY B 56 -15.35 -18.46 5.41
C GLY B 56 -15.32 -19.04 6.81
N GLY B 57 -16.49 -19.24 7.41
CA GLY B 57 -16.61 -19.85 8.73
C GLY B 57 -16.21 -21.33 8.66
N GLN B 58 -16.58 -22.00 7.55
CA GLN B 58 -16.26 -23.42 7.32
C GLN B 58 -14.78 -23.60 7.09
N ARG B 59 -14.19 -22.76 6.26
CA ARG B 59 -12.73 -22.81 5.94
C ARG B 59 -11.92 -22.55 7.21
N ALA B 60 -12.31 -21.55 8.04
CA ALA B 60 -11.61 -21.25 9.31
C ALA B 60 -11.69 -22.46 10.24
N ALA B 61 -12.87 -23.09 10.34
CA ALA B 61 -13.07 -24.26 11.20
C ALA B 61 -12.25 -25.45 10.72
N TRP B 62 -12.25 -25.71 9.40
CA TRP B 62 -11.52 -26.79 8.77
C TRP B 62 -10.02 -26.62 9.06
N ARG B 63 -9.51 -25.39 8.92
CA ARG B 63 -8.10 -25.13 9.22
C ARG B 63 -7.74 -25.45 10.66
N VAL B 64 -8.57 -25.04 11.65
CA VAL B 64 -8.36 -25.34 13.09
C VAL B 64 -8.31 -26.86 13.32
N LEU B 65 -9.31 -27.59 12.82
CA LEU B 65 -9.41 -29.04 13.01
C LEU B 65 -8.25 -29.80 12.38
N SER B 66 -7.87 -29.43 11.18
CA SER B 66 -6.81 -30.03 10.40
C SER B 66 -5.46 -29.86 11.11
N SER B 67 -5.22 -28.69 11.76
CA SER B 67 -4.03 -28.39 12.55
C SER B 67 -3.97 -29.20 13.83
N ILE B 68 -5.11 -29.33 14.51
CA ILE B 68 -5.21 -30.09 15.74
C ILE B 68 -4.90 -31.58 15.40
N GLU B 69 -5.57 -32.11 14.35
CA GLU B 69 -5.42 -33.48 13.84
C GLU B 69 -3.95 -33.76 13.49
N GLN B 70 -3.32 -32.86 12.72
CA GLN B 70 -1.92 -33.01 12.30
C GLN B 70 -0.99 -33.08 13.53
N LYS B 71 -1.10 -32.10 14.44
CA LYS B 71 -0.26 -32.07 15.64
C LYS B 71 -0.39 -33.32 16.50
N SER B 72 -1.63 -33.81 16.75
CA SER B 72 -1.81 -34.96 17.62
C SER B 72 -1.38 -36.27 16.99
N ASN B 73 -1.41 -36.36 15.64
CA ASN B 73 -0.92 -37.51 14.89
C ASN B 73 0.62 -37.49 14.90
N GLU B 74 1.25 -36.34 14.62
CA GLU B 74 2.71 -36.25 14.58
C GLU B 74 3.36 -36.48 15.93
N GLU B 75 2.92 -35.72 16.93
CA GLU B 75 3.47 -35.72 18.28
C GLU B 75 3.10 -36.91 19.16
N GLY B 76 4.02 -37.22 20.06
CA GLY B 76 3.85 -38.24 21.08
C GLY B 76 3.99 -39.65 20.60
N SER B 77 3.59 -40.58 21.48
CA SER B 77 3.66 -42.00 21.25
C SER B 77 2.40 -42.59 20.58
N ALA B 78 1.31 -41.81 20.47
CA ALA B 78 0.09 -42.31 19.79
C ALA B 78 -0.44 -41.33 18.74
N ALA B 79 -1.47 -41.77 18.01
CA ALA B 79 -2.16 -40.97 17.01
C ALA B 79 -3.20 -40.12 17.74
N ALA B 80 -3.89 -39.22 17.00
CA ALA B 80 -5.00 -38.42 17.51
C ALA B 80 -6.15 -39.43 17.77
N GLY B 81 -7.11 -39.03 18.58
CA GLY B 81 -8.30 -39.87 18.74
C GLY B 81 -9.05 -39.80 17.42
N PRO B 82 -9.81 -40.84 16.99
CA PRO B 82 -10.52 -40.76 15.70
C PRO B 82 -11.49 -39.59 15.58
N GLU B 83 -11.94 -39.03 16.72
CA GLU B 83 -12.91 -37.93 16.75
C GLU B 83 -12.48 -36.71 15.96
N VAL B 84 -11.18 -36.37 16.01
CA VAL B 84 -10.72 -35.17 15.32
C VAL B 84 -10.94 -35.26 13.83
N ARG B 85 -10.56 -36.39 13.23
CA ARG B 85 -10.71 -36.61 11.79
C ARG B 85 -12.17 -36.70 11.41
N GLU B 86 -12.98 -37.42 12.16
CA GLU B 86 -14.42 -37.54 11.88
C GLU B 86 -15.06 -36.15 11.85
N TYR B 87 -14.74 -35.32 12.84
CA TYR B 87 -15.28 -33.97 12.91
C TYR B 87 -14.74 -33.09 11.79
N ARG B 88 -13.42 -33.14 11.54
CA ARG B 88 -12.83 -32.43 10.42
C ARG B 88 -13.54 -32.86 9.10
N GLU B 89 -13.87 -34.18 8.93
CA GLU B 89 -14.54 -34.70 7.73
C GLU B 89 -15.99 -34.22 7.64
N LYS B 90 -16.68 -34.06 8.77
CA LYS B 90 -18.04 -33.51 8.80
C LYS B 90 -18.00 -32.05 8.27
N VAL B 91 -17.05 -31.24 8.80
CA VAL B 91 -16.90 -29.85 8.40
C VAL B 91 -16.55 -29.73 6.92
N GLU B 92 -15.69 -30.63 6.44
CA GLU B 92 -15.23 -30.68 5.05
C GLU B 92 -16.36 -30.98 4.11
N THR B 93 -17.19 -31.99 4.41
CA THR B 93 -18.36 -32.40 3.62
C THR B 93 -19.34 -31.20 3.51
N GLU B 94 -19.60 -30.54 4.63
CA GLU B 94 -20.48 -29.41 4.67
C GLU B 94 -19.90 -28.25 3.80
N LEU B 95 -18.60 -27.98 3.90
CA LEU B 95 -17.89 -26.98 3.10
C LEU B 95 -18.05 -27.33 1.61
N GLN B 96 -17.86 -28.61 1.24
CA GLN B 96 -17.98 -29.08 -0.14
C GLN B 96 -19.41 -28.92 -0.66
N GLY B 97 -20.39 -29.19 0.19
CA GLY B 97 -21.80 -28.99 -0.16
C GLY B 97 -22.15 -27.54 -0.48
N VAL B 98 -21.56 -26.58 0.25
CA VAL B 98 -21.81 -25.15 -0.01
C VAL B 98 -21.12 -24.73 -1.34
N CYS B 99 -19.84 -25.15 -1.56
CA CYS B 99 -19.14 -24.86 -2.81
C CYS B 99 -19.92 -25.47 -3.99
N ASP B 100 -20.40 -26.72 -3.87
CA ASP B 100 -21.17 -27.35 -4.95
C ASP B 100 -22.46 -26.60 -5.22
N THR B 101 -23.10 -26.04 -4.18
CA THR B 101 -24.32 -25.24 -4.35
C THR B 101 -23.99 -23.94 -5.15
N VAL B 102 -22.90 -23.23 -4.78
CA VAL B 102 -22.49 -22.01 -5.44
C VAL B 102 -22.16 -22.34 -6.90
N LEU B 103 -21.30 -23.37 -7.13
CA LEU B 103 -20.93 -23.77 -8.48
C LEU B 103 -22.15 -24.17 -9.32
N GLY B 104 -23.15 -24.79 -8.69
CA GLY B 104 -24.41 -25.14 -9.33
C GLY B 104 -25.19 -23.93 -9.79
N LEU B 105 -25.32 -22.90 -8.94
CA LEU B 105 -26.00 -21.63 -9.27
C LEU B 105 -25.31 -20.92 -10.42
N LEU B 106 -23.97 -20.90 -10.37
CA LEU B 106 -23.17 -20.27 -11.41
C LEU B 106 -23.34 -20.97 -12.77
N ASP B 107 -23.32 -22.31 -12.76
CA ASP B 107 -23.44 -23.08 -14.00
C ASP B 107 -24.87 -23.19 -14.53
N SER B 108 -25.86 -23.31 -13.65
CA SER B 108 -27.26 -23.37 -14.03
C SER B 108 -27.89 -22.06 -14.42
N HIS B 109 -27.54 -20.94 -13.75
CA HIS B 109 -28.21 -19.66 -14.01
C HIS B 109 -27.31 -18.45 -14.28
N LEU B 110 -26.22 -18.28 -13.56
CA LEU B 110 -25.57 -16.97 -13.60
C LEU B 110 -24.58 -16.73 -14.74
N ILE B 111 -23.69 -17.67 -15.06
CA ILE B 111 -22.70 -17.43 -16.12
C ILE B 111 -23.38 -17.31 -17.48
N LYS B 112 -24.20 -18.28 -17.87
CA LYS B 112 -24.90 -18.24 -19.15
C LYS B 112 -25.85 -17.00 -19.32
N GLU B 113 -26.62 -16.63 -18.29
CA GLU B 113 -27.62 -15.56 -18.40
C GLU B 113 -27.10 -14.13 -18.26
N ALA B 114 -25.84 -13.94 -17.87
CA ALA B 114 -25.24 -12.61 -17.70
C ALA B 114 -25.24 -11.80 -19.01
N GLY B 115 -25.52 -10.52 -18.89
CA GLY B 115 -25.50 -9.63 -20.05
C GLY B 115 -24.09 -9.16 -20.33
N ASP B 116 -23.62 -8.22 -19.49
CA ASP B 116 -22.35 -7.54 -19.61
C ASP B 116 -21.13 -8.34 -19.15
N ALA B 117 -19.96 -7.86 -19.57
CA ALA B 117 -18.65 -8.46 -19.28
C ALA B 117 -18.34 -8.34 -17.81
N GLU B 118 -18.70 -7.18 -17.19
CA GLU B 118 -18.53 -6.89 -15.76
C GLU B 118 -19.11 -8.05 -14.93
N SER B 119 -20.35 -8.44 -15.22
CA SER B 119 -21.00 -9.49 -14.47
C SER B 119 -20.46 -10.88 -14.85
N ARG B 120 -20.11 -11.13 -16.14
CA ARG B 120 -19.52 -12.40 -16.60
C ARG B 120 -18.16 -12.66 -15.90
N VAL B 121 -17.32 -11.64 -15.79
CA VAL B 121 -16.02 -11.73 -15.11
C VAL B 121 -16.28 -12.03 -13.63
N PHE B 122 -17.29 -11.33 -13.01
CA PHE B 122 -17.65 -11.49 -11.59
C PHE B 122 -18.01 -12.94 -11.29
N TYR B 123 -18.82 -13.55 -12.14
CA TYR B 123 -19.28 -14.92 -11.97
C TYR B 123 -18.20 -15.94 -12.28
N LEU B 124 -17.41 -15.68 -13.32
CA LEU B 124 -16.32 -16.60 -13.65
C LEU B 124 -15.24 -16.54 -12.57
N LYS B 125 -15.03 -15.35 -11.98
CA LYS B 125 -14.07 -15.21 -10.87
C LYS B 125 -14.61 -16.00 -9.64
N MET B 126 -15.92 -15.87 -9.38
CA MET B 126 -16.57 -16.56 -8.29
C MET B 126 -16.40 -18.08 -8.50
N LYS B 127 -16.56 -18.60 -9.74
CA LYS B 127 -16.37 -20.02 -10.10
C LYS B 127 -14.94 -20.47 -9.74
N GLY B 128 -13.96 -19.63 -10.06
CA GLY B 128 -12.55 -19.91 -9.77
C GLY B 128 -12.33 -20.01 -8.27
N ASP B 129 -12.92 -19.04 -7.52
CA ASP B 129 -12.88 -18.95 -6.05
C ASP B 129 -13.43 -20.19 -5.36
N TYR B 130 -14.61 -20.68 -5.78
CA TYR B 130 -15.25 -21.83 -5.14
C TYR B 130 -14.61 -23.16 -5.54
N TYR B 131 -13.95 -23.23 -6.71
CA TYR B 131 -13.16 -24.40 -7.07
C TYR B 131 -11.89 -24.32 -6.26
N ARG B 132 -11.36 -23.09 -6.03
CA ARG B 132 -10.17 -22.91 -5.20
C ARG B 132 -10.42 -23.38 -3.75
N TYR B 133 -11.61 -23.07 -3.18
CA TYR B 133 -11.98 -23.49 -1.83
C TYR B 133 -12.09 -25.02 -1.80
N LEU B 134 -12.63 -25.63 -2.84
CA LEU B 134 -12.71 -27.09 -2.93
C LEU B 134 -11.29 -27.68 -3.00
N ALA B 135 -10.37 -27.03 -3.77
CA ALA B 135 -8.98 -27.48 -3.91
C ALA B 135 -8.24 -27.47 -2.58
N GLU B 136 -8.58 -26.51 -1.69
CA GLU B 136 -7.92 -26.36 -0.39
C GLU B 136 -8.10 -27.62 0.49
N VAL B 137 -9.23 -28.34 0.36
CA VAL B 137 -9.54 -29.53 1.15
C VAL B 137 -9.36 -30.86 0.34
N ALA B 138 -9.13 -30.80 -0.98
CA ALA B 138 -9.00 -32.01 -1.80
C ALA B 138 -7.59 -32.63 -1.70
N THR B 139 -7.46 -33.93 -2.02
CA THR B 139 -6.19 -34.65 -1.87
C THR B 139 -5.68 -35.44 -3.10
N GLY B 140 -6.49 -36.32 -3.68
CA GLY B 140 -6.03 -37.21 -4.74
C GLY B 140 -6.06 -36.76 -6.17
N ASP B 141 -6.65 -37.63 -7.03
CA ASP B 141 -6.84 -37.38 -8.45
C ASP B 141 -7.91 -36.30 -8.59
N ASP B 142 -8.83 -36.23 -7.59
CA ASP B 142 -9.88 -35.22 -7.51
C ASP B 142 -9.26 -33.84 -7.36
N LYS B 143 -8.17 -33.72 -6.59
CA LYS B 143 -7.46 -32.45 -6.39
C LYS B 143 -6.99 -31.82 -7.71
N LYS B 144 -6.37 -32.63 -8.60
CA LYS B 144 -5.86 -32.24 -9.90
C LYS B 144 -6.99 -31.73 -10.78
N ARG B 145 -8.08 -32.47 -10.88
CA ARG B 145 -9.24 -32.09 -11.68
C ARG B 145 -9.87 -30.73 -11.21
N ILE B 146 -9.93 -30.50 -9.87
CA ILE B 146 -10.50 -29.30 -9.24
C ILE B 146 -9.60 -28.08 -9.53
N ILE B 147 -8.26 -28.27 -9.42
CA ILE B 147 -7.25 -27.24 -9.72
C ILE B 147 -7.36 -26.82 -11.20
N ASP B 148 -7.61 -27.77 -12.11
CA ASP B 148 -7.76 -27.49 -13.53
C ASP B 148 -9.02 -26.68 -13.77
N SER B 149 -10.11 -27.04 -13.07
CA SER B 149 -11.39 -26.34 -13.19
C SER B 149 -11.26 -24.89 -12.67
N ALA B 150 -10.50 -24.68 -11.56
CA ALA B 150 -10.29 -23.33 -11.03
C ALA B 150 -9.49 -22.47 -12.00
N ARG B 151 -8.40 -23.03 -12.56
CA ARG B 151 -7.52 -22.32 -13.49
C ARG B 151 -8.28 -21.95 -14.74
N SER B 152 -9.06 -22.89 -15.25
CA SER B 152 -9.86 -22.70 -16.46
C SER B 152 -10.86 -21.54 -16.27
N ALA B 153 -11.56 -21.46 -15.10
CA ALA B 153 -12.53 -20.40 -14.81
C ALA B 153 -11.82 -19.07 -14.68
N TYR B 154 -10.73 -19.03 -13.91
CA TYR B 154 -9.95 -17.80 -13.73
C TYR B 154 -9.39 -17.30 -15.04
N GLN B 155 -8.86 -18.22 -15.91
CA GLN B 155 -8.29 -17.86 -17.21
C GLN B 155 -9.34 -17.25 -18.15
N GLU B 156 -10.52 -17.85 -18.25
CA GLU B 156 -11.63 -17.34 -19.05
C GLU B 156 -12.02 -15.91 -18.53
N ALA B 157 -12.06 -15.75 -17.18
CA ALA B 157 -12.35 -14.43 -16.57
C ALA B 157 -11.26 -13.42 -16.91
N MET B 158 -9.99 -13.86 -16.93
CA MET B 158 -8.84 -13.00 -17.27
C MET B 158 -8.90 -12.53 -18.73
N ASP B 159 -9.26 -13.46 -19.64
CA ASP B 159 -9.35 -13.24 -21.07
C ASP B 159 -10.38 -12.19 -21.32
N ILE B 160 -11.57 -12.36 -20.77
CA ILE B 160 -12.63 -11.36 -20.90
C ILE B 160 -12.24 -10.02 -20.28
N SER B 161 -11.74 -10.03 -19.05
CA SER B 161 -11.41 -8.77 -18.39
C SER B 161 -10.39 -7.93 -19.18
N LYS B 162 -9.42 -8.60 -19.84
CA LYS B 162 -8.35 -7.95 -20.61
C LYS B 162 -8.87 -7.34 -21.87
N LYS B 163 -9.94 -7.91 -22.43
CA LYS B 163 -10.62 -7.48 -23.62
C LYS B 163 -11.59 -6.33 -23.39
N GLU B 164 -12.35 -6.36 -22.28
CA GLU B 164 -13.46 -5.42 -22.04
C GLU B 164 -13.31 -4.43 -20.93
N MET B 165 -12.31 -4.58 -20.07
CA MET B 165 -12.23 -3.69 -18.94
C MET B 165 -10.95 -2.90 -18.92
N PRO B 166 -10.98 -1.68 -18.39
CA PRO B 166 -9.72 -0.95 -18.22
C PRO B 166 -8.86 -1.61 -17.11
N PRO B 167 -7.51 -1.42 -17.10
CA PRO B 167 -6.67 -2.07 -16.06
C PRO B 167 -7.00 -1.72 -14.62
N THR B 168 -7.70 -0.59 -14.38
CA THR B 168 -8.04 -0.12 -13.04
C THR B 168 -9.38 -0.66 -12.56
N ASN B 169 -10.13 -1.33 -13.44
CA ASN B 169 -11.43 -1.85 -13.05
C ASN B 169 -11.36 -2.72 -11.80
N PRO B 170 -12.09 -2.35 -10.72
CA PRO B 170 -12.01 -3.12 -9.46
C PRO B 170 -12.27 -4.62 -9.57
N ILE B 171 -13.22 -5.02 -10.41
CA ILE B 171 -13.50 -6.44 -10.62
C ILE B 171 -12.27 -7.11 -11.28
N ARG B 172 -11.70 -6.48 -12.31
CA ARG B 172 -10.51 -6.96 -13.01
C ARG B 172 -9.33 -7.06 -12.02
N LEU B 173 -9.18 -6.05 -11.14
CA LEU B 173 -8.12 -6.06 -10.13
C LEU B 173 -8.31 -7.19 -9.12
N GLY B 174 -9.55 -7.37 -8.63
CA GLY B 174 -9.89 -8.41 -7.65
C GLY B 174 -9.71 -9.81 -8.20
N LEU B 175 -10.02 -9.99 -9.49
CA LEU B 175 -9.83 -11.27 -10.17
C LEU B 175 -8.33 -11.63 -10.26
N ALA B 176 -7.50 -10.67 -10.67
CA ALA B 176 -6.06 -10.88 -10.82
C ALA B 176 -5.45 -11.18 -9.49
N LEU B 177 -5.97 -10.56 -8.42
CA LEU B 177 -5.51 -10.80 -7.04
C LEU B 177 -5.78 -12.26 -6.66
N ASN B 178 -7.02 -12.73 -6.83
CA ASN B 178 -7.41 -14.08 -6.47
C ASN B 178 -6.71 -15.14 -7.32
N PHE B 179 -6.52 -14.85 -8.64
CA PHE B 179 -5.81 -15.75 -9.55
C PHE B 179 -4.33 -15.89 -9.16
N SER B 180 -3.70 -14.79 -8.70
CA SER B 180 -2.31 -14.84 -8.27
C SER B 180 -2.22 -15.66 -6.97
N VAL B 181 -3.21 -15.49 -6.05
CA VAL B 181 -3.27 -16.29 -4.81
C VAL B 181 -3.38 -17.79 -5.24
N PHE B 182 -4.26 -18.12 -6.23
CA PHE B 182 -4.38 -19.48 -6.78
C PHE B 182 -3.02 -20.01 -7.27
N HIS B 183 -2.30 -19.22 -8.09
CA HIS B 183 -0.98 -19.66 -8.62
C HIS B 183 -0.03 -19.99 -7.50
N TYR B 184 0.07 -19.09 -6.52
CA TYR B 184 0.97 -19.27 -5.39
C TYR B 184 0.64 -20.45 -4.46
N GLU B 185 -0.57 -20.45 -3.88
CA GLU B 185 -1.06 -21.36 -2.84
C GLU B 185 -1.61 -22.69 -3.32
N ILE B 186 -2.15 -22.73 -4.54
CA ILE B 186 -2.81 -23.95 -5.01
C ILE B 186 -2.01 -24.67 -6.10
N ALA B 187 -1.65 -23.96 -7.19
CA ALA B 187 -0.95 -24.56 -8.34
C ALA B 187 0.55 -24.66 -8.16
N ASN B 188 1.07 -24.20 -7.00
CA ASN B 188 2.49 -24.20 -6.67
C ASN B 188 3.34 -23.55 -7.78
N SER B 189 2.92 -22.38 -8.29
CA SER B 189 3.63 -21.61 -9.31
C SER B 189 3.89 -20.20 -8.76
N PRO B 190 4.81 -20.03 -7.79
CA PRO B 190 5.03 -18.67 -7.25
C PRO B 190 5.46 -17.64 -8.29
N GLU B 191 6.17 -18.07 -9.35
CA GLU B 191 6.66 -17.20 -10.43
C GLU B 191 5.50 -16.62 -11.21
N GLU B 192 4.49 -17.46 -11.55
CA GLU B 192 3.28 -16.99 -12.23
C GLU B 192 2.51 -16.01 -11.34
N ALA B 193 2.40 -16.33 -10.02
CA ALA B 193 1.74 -15.50 -9.01
C ALA B 193 2.34 -14.11 -8.99
N ILE B 194 3.68 -14.02 -8.85
CA ILE B 194 4.42 -12.75 -8.76
C ILE B 194 4.32 -11.95 -10.08
N SER B 195 4.51 -12.59 -11.25
CA SER B 195 4.41 -11.89 -12.53
C SER B 195 2.99 -11.38 -12.82
N LEU B 196 1.96 -12.16 -12.43
CA LEU B 196 0.57 -11.69 -12.60
C LEU B 196 0.29 -10.50 -11.68
N ALA B 197 0.70 -10.58 -10.40
CA ALA B 197 0.49 -9.47 -9.46
C ALA B 197 1.28 -8.22 -9.86
N LYS B 198 2.54 -8.39 -10.35
CA LYS B 198 3.38 -7.26 -10.80
C LYS B 198 2.74 -6.58 -11.98
N THR B 199 2.38 -7.35 -13.04
CA THR B 199 1.76 -6.81 -14.27
C THR B 199 0.47 -6.05 -13.94
N THR B 200 -0.40 -6.65 -13.08
CA THR B 200 -1.70 -6.07 -12.69
C THR B 200 -1.52 -4.73 -12.01
N PHE B 201 -0.62 -4.68 -11.03
CA PHE B 201 -0.33 -3.49 -10.27
C PHE B 201 0.20 -2.38 -11.18
N ASP B 202 1.26 -2.69 -11.97
CA ASP B 202 1.89 -1.77 -12.90
C ASP B 202 0.94 -1.16 -13.95
N GLU B 203 0.14 -1.98 -14.63
CA GLU B 203 -0.80 -1.50 -15.64
C GLU B 203 -1.89 -0.62 -15.03
N ALA B 204 -2.38 -0.97 -13.81
CA ALA B 204 -3.40 -0.16 -13.12
C ALA B 204 -2.79 1.17 -12.67
N MET B 205 -1.55 1.15 -12.14
CA MET B 205 -0.81 2.34 -11.70
C MET B 205 -0.73 3.45 -12.78
N ALA B 206 -0.45 3.05 -14.02
CA ALA B 206 -0.31 3.92 -15.18
C ALA B 206 -1.57 4.71 -15.55
N ASP B 207 -2.76 4.24 -15.13
CA ASP B 207 -4.04 4.90 -15.43
C ASP B 207 -4.73 5.50 -14.20
N LEU B 208 -4.13 5.41 -13.00
CA LEU B 208 -4.71 5.94 -11.76
C LEU B 208 -5.14 7.42 -11.84
N HIS B 209 -4.39 8.23 -12.60
CA HIS B 209 -4.65 9.65 -12.82
C HIS B 209 -5.98 9.94 -13.54
N THR B 210 -6.46 8.99 -14.38
CA THR B 210 -7.70 9.13 -15.18
C THR B 210 -8.98 8.94 -14.36
N LEU B 211 -8.87 8.39 -13.15
CA LEU B 211 -10.00 8.05 -12.30
C LEU B 211 -10.64 9.18 -11.51
N SER B 212 -11.98 9.07 -11.32
CA SER B 212 -12.73 9.96 -10.45
C SER B 212 -12.32 9.50 -9.04
N GLU B 213 -12.43 10.39 -8.09
CA GLU B 213 -11.99 10.16 -6.73
C GLU B 213 -12.59 8.91 -6.05
N ASP B 214 -13.85 8.56 -6.34
CA ASP B 214 -14.50 7.36 -5.80
C ASP B 214 -13.95 6.07 -6.46
N SER B 215 -13.62 6.14 -7.76
CA SER B 215 -13.04 5.04 -8.54
C SER B 215 -11.60 4.78 -8.05
N TYR B 216 -10.87 5.87 -7.78
CA TYR B 216 -9.50 5.87 -7.27
C TYR B 216 -9.40 5.07 -5.96
N LYS B 217 -10.32 5.34 -5.02
CA LYS B 217 -10.37 4.68 -3.72
C LYS B 217 -10.65 3.19 -3.85
N ASP B 218 -11.56 2.81 -4.77
CA ASP B 218 -11.91 1.42 -5.03
C ASP B 218 -10.71 0.65 -5.60
N SER B 219 -10.03 1.26 -6.57
CA SER B 219 -8.89 0.67 -7.27
C SER B 219 -7.64 0.53 -6.39
N THR B 220 -7.18 1.61 -5.74
CA THR B 220 -6.00 1.60 -4.89
C THR B 220 -6.11 0.64 -3.69
N LEU B 221 -7.32 0.43 -3.15
CA LEU B 221 -7.56 -0.50 -2.06
C LEU B 221 -7.18 -1.95 -2.46
N ILE B 222 -7.53 -2.35 -3.70
CA ILE B 222 -7.21 -3.68 -4.23
C ILE B 222 -5.72 -3.76 -4.63
N MET B 223 -5.20 -2.66 -5.19
CA MET B 223 -3.79 -2.53 -5.60
C MET B 223 -2.86 -2.71 -4.41
N GLN B 224 -3.33 -2.26 -3.23
CA GLN B 224 -2.66 -2.39 -1.95
C GLN B 224 -2.52 -3.89 -1.62
N LEU B 225 -3.60 -4.69 -1.81
CA LEU B 225 -3.57 -6.12 -1.53
C LEU B 225 -2.62 -6.86 -2.48
N LEU B 226 -2.50 -6.38 -3.74
CA LEU B 226 -1.58 -6.95 -4.74
C LEU B 226 -0.15 -6.71 -4.28
N ARG B 227 0.11 -5.45 -3.88
CA ARG B 227 1.41 -4.99 -3.41
C ARG B 227 1.82 -5.71 -2.13
N ASP B 228 0.90 -5.84 -1.14
CA ASP B 228 1.16 -6.56 0.11
C ASP B 228 1.56 -8.00 -0.17
N ASN B 229 0.84 -8.66 -1.09
CA ASN B 229 1.13 -10.02 -1.51
C ASN B 229 2.50 -10.11 -2.16
N LEU B 230 2.85 -9.13 -3.02
CA LEU B 230 4.14 -9.09 -3.68
C LEU B 230 5.28 -8.98 -2.66
N THR B 231 5.16 -8.07 -1.66
CA THR B 231 6.15 -7.90 -0.59
C THR B 231 6.33 -9.22 0.15
N LEU B 232 5.23 -9.86 0.53
CA LEU B 232 5.23 -11.14 1.22
C LEU B 232 5.90 -12.24 0.39
N TRP B 233 5.59 -12.30 -0.93
CA TRP B 233 6.12 -13.32 -1.84
C TRP B 233 7.60 -13.12 -2.20
N THR B 234 7.99 -11.90 -2.70
CA THR B 234 9.36 -11.53 -3.10
C THR B 234 10.33 -11.57 -1.92
N LEU B 239 13.18 -2.11 -1.72
CA LEU B 239 13.73 -2.69 -0.50
C LEU B 239 14.52 -1.70 0.41
N ARG B 240 14.59 -0.40 0.00
CA ARG B 240 15.23 0.68 0.77
C ARG B 240 14.10 1.48 1.48
N ARG B 241 14.36 1.99 2.71
CA ARG B 241 13.34 2.76 3.45
C ARG B 241 12.97 4.05 2.69
N SER B 242 11.78 4.59 2.94
CA SER B 242 11.33 5.81 2.27
C SER B 242 11.21 6.98 3.19
N SEP B 243 11.76 8.11 2.74
CA SEP B 243 11.65 9.42 3.37
CB SEP B 243 13.03 10.07 3.57
OG SEP B 243 13.58 10.47 2.31
C SEP B 243 10.64 10.16 2.49
O SEP B 243 10.25 9.65 1.43
P SEP B 243 14.90 11.28 2.40
O1P SEP B 243 16.02 10.57 3.15
O2P SEP B 243 14.61 12.63 3.04
O3P SEP B 243 15.42 11.37 1.05
N LEU B 244 10.21 11.36 2.92
CA LEU B 244 9.22 12.15 2.20
C LEU B 244 9.63 12.45 0.76
N LEU B 245 8.62 12.37 -0.17
CA LEU B 245 8.71 12.64 -1.62
C LEU B 245 9.67 11.66 -2.31
C1 PGE C . 27.33 20.90 -7.90
O1 PGE C . 26.60 21.44 -6.81
C2 PGE C . 26.70 19.66 -8.45
O2 PGE C . 27.40 19.22 -9.61
C3 PGE C . 26.68 18.24 -10.37
C4 PGE C . 27.61 17.41 -11.14
O4 PGE C . 25.05 14.90 -14.35
C6 PGE C . 25.49 15.06 -13.01
C5 PGE C . 26.46 16.17 -12.87
O3 PGE C . 26.97 16.18 -11.55
H1 PGE C . 27.47 21.65 -8.69
H12 PGE C . 28.31 20.69 -7.49
HO1 PGE C . 26.74 20.85 -6.03
H2 PGE C . 26.67 18.88 -7.69
H22 PGE C . 25.65 19.85 -8.69
H3 PGE C . 26.04 17.63 -9.74
H32 PGE C . 26.01 18.74 -11.08
H4 PGE C . 27.98 17.95 -12.00
H42 PGE C . 28.47 17.19 -10.52
HO4 PGE C . 24.15 14.47 -14.33
H6 PGE C . 24.58 15.24 -12.44
H62 PGE C . 25.90 14.13 -12.61
H5 PGE C . 25.99 17.12 -13.11
H52 PGE C . 27.27 16.06 -13.59
C1 PGE D . 20.31 19.55 -13.52
O1 PGE D . 19.70 18.91 -12.40
C2 PGE D . 21.15 20.72 -13.10
O2 PGE D . 21.13 21.71 -14.12
C3 PGE D . 21.08 23.06 -13.68
C4 PGE D . 22.47 23.53 -13.36
O4 PGE D . 24.03 21.18 -14.62
C6 PGE D . 24.87 22.22 -15.11
C5 PGE D . 24.60 23.52 -14.44
O3 PGE D . 23.22 23.84 -14.53
H1 PGE D . 20.90 18.84 -14.10
H12 PGE D . 19.49 19.86 -14.14
HO1 PGE D . 19.36 18.03 -12.70
H2 PGE D . 20.78 21.10 -12.15
H22 PGE D . 22.16 20.40 -12.91
H3 PGE D . 20.66 23.71 -14.45
H32 PGE D . 20.43 23.17 -12.82
H4 PGE D . 22.42 24.40 -12.71
H42 PGE D . 22.99 22.76 -12.79
HO4 PGE D . 24.58 20.63 -14.01
H6 PGE D . 24.63 22.26 -16.18
H62 PGE D . 25.92 21.94 -15.03
H5 PGE D . 25.19 24.30 -14.93
H52 PGE D . 24.96 23.50 -13.42
N1 IMD E . -2.55 3.19 2.22
C2 IMD E . -3.76 3.62 1.94
N3 IMD E . -4.36 3.96 3.06
C4 IMD E . -3.50 3.75 4.10
C5 IMD E . -2.36 3.27 3.56
HN1 IMD E . -1.86 2.89 1.55
H2 IMD E . -4.21 3.67 0.94
HN3 IMD E . -5.30 4.33 3.15
H4 IMD E . -3.74 3.98 5.13
H5 IMD E . -1.45 2.97 4.06
C1 PGE F . -2.96 -20.14 -16.59
O1 PGE F . -1.90 -20.82 -15.88
C2 PGE F . -3.41 -20.90 -17.82
O2 PGE F . -4.80 -21.14 -17.77
C3 PGE F . -5.26 -22.26 -18.52
C4 PGE F . -6.69 -22.58 -18.19
O4 PGE F . -8.62 -26.18 -18.12
C6 PGE F . -7.30 -26.20 -17.60
C5 PGE F . -6.76 -24.83 -17.33
O3 PGE F . -7.00 -23.95 -18.42
H1 PGE F . -2.66 -19.12 -16.84
H12 PGE F . -3.76 -20.06 -15.85
HO1 PGE F . -1.07 -20.30 -16.03
H2 PGE F . -3.16 -20.33 -18.71
H22 PGE F . -2.84 -21.83 -17.90
H3 PGE F . -5.15 -22.04 -19.58
H32 PGE F . -4.65 -23.14 -18.33
H4 PGE F . -6.89 -22.29 -17.17
H42 PGE F . -7.34 -21.96 -18.81
HO4 PGE F . -9.19 -26.72 -17.51
H6 PGE F . -6.73 -26.69 -18.39
H62 PGE F . -7.23 -26.84 -16.72
H5 PGE F . -5.69 -24.92 -17.16
H52 PGE F . -7.19 -24.44 -16.41
#